data_9QWB
#
_entry.id   9QWB
#
_cell.length_a   131.047
_cell.length_b   131.047
_cell.length_c   155.299
_cell.angle_alpha   90.000
_cell.angle_beta   90.000
_cell.angle_gamma   120.000
#
_symmetry.space_group_name_H-M   'P 65 2 2'
#
loop_
_entity.id
_entity.type
_entity.pdbx_description
1 polymer Furin
2 non-polymer ~{N}-[[1-[[3-[3,5-bis(chloranyl)phenyl]-5-[[4-(1-methylpiperidin-4-yl)piperazin-1-yl]methyl]phenyl]methyl]piperidin-4-yl]methyl]ethanamide
3 non-polymer 'CALCIUM ION'
4 non-polymer 'SODIUM ION'
5 non-polymer 'CHLORIDE ION'
6 non-polymer 'DIMETHYL SULFOXIDE'
7 non-polymer 2-acetamido-2-deoxy-beta-D-glucopyranose
8 water water
#
_entity_poly.entity_id   1
_entity_poly.type   'polypeptide(L)'
_entity_poly.pdbx_seq_one_letter_code
;DVYQEPTDPKFPQQWYLSGVTQRDLNVKAAWAQGYTGHGIVVSILDDGIEKNHPDLAGNYDPGASFDVNDQDPDPQPRYT
QMNDNRHGTRCAGEVAAVANNGVCGVGVAYNARIGGVRMLDGEVTDAVEARSLGLNPNHIHIYSASWGPEDDGKTVDGPA
RLAEEAFFRGVSQGRGGLGSIFVWASGNGGREHDSCNCDGYTNSIYTLSISSATQFGNVPWYSEACSSTLATTYSSGNQN
EKQIVTTDLRQKCTESHTGTSASAPLAAGIIALTLEANKNLTWRDMQHLVVQTSKPAHLNANDWATNGVGRKVSHSYGYG
LLDAGAMVALAQNWTTVAPQRKCIIDILTEPKDIGKRLEVRKTVTACLGEPNHITRLEHAQARLTLSYNRRGDLAIHLVS
PMGTRSTLLAARPHDYSADGFNDWAFMTTHSWDEDPSGEWVLEIENTSEANNYGTLTKFTLVLYGTASGSLVPRGSHHHH
HH
;
_entity_poly.pdbx_strand_id   A
#
loop_
_chem_comp.id
_chem_comp.type
_chem_comp.name
_chem_comp.formula
A1JA6 non-polymer ~{N}-[[1-[[3-[3,5-bis(chloranyl)phenyl]-5-[[4-(1-methylpiperidin-4-yl)piperazin-1-yl]methyl]phenyl]methyl]piperidin-4-yl]methyl]ethanamide 'C32 H45 Cl2 N5 O'
CA non-polymer 'CALCIUM ION' 'Ca 2'
CL non-polymer 'CHLORIDE ION' 'Cl -1'
DMS non-polymer 'DIMETHYL SULFOXIDE' 'C2 H6 O S'
NA non-polymer 'SODIUM ION' 'Na 1'
NAG D-saccharide, beta linking 2-acetamido-2-deoxy-beta-D-glucopyranose 'C8 H15 N O6'
#
# COMPACT_ATOMS: atom_id res chain seq x y z
N TYR A 3 25.52 7.98 -18.01
CA TYR A 3 25.01 8.16 -16.66
C TYR A 3 26.04 7.78 -15.61
N GLN A 4 26.22 8.62 -14.60
CA GLN A 4 27.16 8.34 -13.50
C GLN A 4 26.38 8.05 -12.22
N GLU A 5 26.60 6.86 -11.67
CA GLU A 5 25.88 6.51 -10.47
C GLU A 5 26.39 7.33 -9.29
N PRO A 6 25.58 7.44 -8.25
CA PRO A 6 25.93 8.31 -7.12
C PRO A 6 27.25 7.92 -6.48
N THR A 7 27.95 8.94 -5.99
CA THR A 7 29.22 8.76 -5.31
C THR A 7 29.10 8.75 -3.79
N ASP A 8 27.88 8.84 -3.26
CA ASP A 8 27.70 8.99 -1.82
C ASP A 8 28.34 7.81 -1.07
N PRO A 9 28.86 8.06 0.14
CA PRO A 9 29.68 7.03 0.79
C PRO A 9 28.93 5.75 1.12
N LYS A 10 27.63 5.83 1.38
CA LYS A 10 26.88 4.62 1.70
C LYS A 10 26.00 4.14 0.56
N PHE A 11 26.11 4.75 -0.63
CA PHE A 11 25.36 4.21 -1.75
C PHE A 11 25.69 2.76 -2.01
N PRO A 12 26.94 2.30 -1.93
CA PRO A 12 27.20 0.87 -2.12
C PRO A 12 26.47 -0.02 -1.13
N GLN A 13 26.15 0.49 0.06
N GLN A 13 26.16 0.50 0.06
CA GLN A 13 25.41 -0.26 1.05
CA GLN A 13 25.41 -0.25 1.06
C GLN A 13 23.91 -0.25 0.79
C GLN A 13 23.91 -0.26 0.78
N GLN A 14 23.43 0.55 -0.16
CA GLN A 14 22.02 0.59 -0.52
C GLN A 14 21.75 -0.49 -1.57
N TRP A 15 21.81 -1.74 -1.07
CA TRP A 15 21.83 -2.91 -1.93
C TRP A 15 20.56 -3.04 -2.76
N TYR A 16 19.46 -2.49 -2.25
CA TYR A 16 18.17 -2.54 -2.92
C TYR A 16 18.08 -1.54 -4.06
N LEU A 17 19.05 -0.61 -4.17
CA LEU A 17 19.26 0.23 -5.34
C LEU A 17 20.54 -0.11 -6.11
N SER A 18 21.65 -0.31 -5.42
CA SER A 18 22.92 -0.40 -6.15
C SER A 18 23.31 -1.81 -6.54
N GLY A 19 22.45 -2.79 -6.28
CA GLY A 19 22.81 -4.16 -6.56
C GLY A 19 23.17 -4.39 -8.01
N VAL A 20 24.11 -5.30 -8.25
CA VAL A 20 24.44 -5.81 -9.58
C VAL A 20 24.01 -7.27 -9.73
N THR A 21 23.20 -7.78 -8.80
CA THR A 21 22.86 -9.20 -8.75
C THR A 21 21.40 -9.47 -9.11
N GLN A 22 20.70 -8.48 -9.66
CA GLN A 22 19.29 -8.60 -10.05
C GLN A 22 18.35 -8.71 -8.86
N ARG A 23 18.85 -8.57 -7.63
CA ARG A 23 17.99 -8.53 -6.45
C ARG A 23 17.89 -7.09 -5.95
N ASP A 24 17.28 -6.24 -6.79
CA ASP A 24 17.10 -4.84 -6.44
C ASP A 24 15.86 -4.29 -7.13
N LEU A 25 15.58 -3.02 -6.88
CA LEU A 25 14.38 -2.36 -7.36
C LEU A 25 14.54 -1.77 -8.75
N ASN A 26 15.69 -2.00 -9.40
CA ASN A 26 15.92 -1.58 -10.77
C ASN A 26 15.78 -0.07 -10.90
N VAL A 27 16.32 0.64 -9.91
CA VAL A 27 16.25 2.09 -9.89
C VAL A 27 17.33 2.72 -10.77
N LYS A 28 18.52 2.12 -10.85
CA LYS A 28 19.55 2.72 -11.71
C LYS A 28 19.05 2.85 -13.14
N ALA A 29 18.25 1.88 -13.58
CA ALA A 29 17.75 1.91 -14.95
C ALA A 29 16.86 3.12 -15.18
N ALA A 30 16.09 3.52 -14.17
CA ALA A 30 15.27 4.71 -14.29
C ALA A 30 16.12 5.97 -14.25
N TRP A 31 17.09 6.03 -13.33
CA TRP A 31 17.99 7.17 -13.29
C TRP A 31 18.69 7.36 -14.62
N ALA A 32 19.10 6.26 -15.25
CA ALA A 32 19.81 6.36 -16.52
C ALA A 32 18.89 6.76 -17.67
N GLN A 33 17.57 6.55 -17.54
CA GLN A 33 16.62 7.08 -18.51
C GLN A 33 16.37 8.58 -18.29
N GLY A 34 17.00 9.18 -17.27
CA GLY A 34 16.85 10.58 -16.97
C GLY A 34 15.88 10.94 -15.86
N TYR A 35 15.34 9.96 -15.14
CA TYR A 35 14.28 10.21 -14.16
C TYR A 35 14.85 10.09 -12.75
N THR A 36 14.84 11.20 -12.03
CA THR A 36 15.36 11.25 -10.68
C THR A 36 14.40 11.92 -9.71
N GLY A 37 13.21 12.30 -10.17
CA GLY A 37 12.21 12.90 -9.31
C GLY A 37 12.10 14.40 -9.44
N HIS A 38 12.83 15.02 -10.35
N HIS A 38 12.84 15.03 -10.35
CA HIS A 38 12.75 16.47 -10.50
CA HIS A 38 12.74 16.45 -10.58
C HIS A 38 11.31 16.90 -10.73
C HIS A 38 11.28 16.86 -10.71
N GLY A 39 10.87 17.88 -9.95
CA GLY A 39 9.54 18.45 -10.08
C GLY A 39 8.45 17.73 -9.31
N ILE A 40 8.75 16.61 -8.68
CA ILE A 40 7.77 15.85 -7.92
C ILE A 40 7.93 16.18 -6.44
N VAL A 41 6.80 16.15 -5.72
CA VAL A 41 6.73 16.54 -4.32
C VAL A 41 6.14 15.38 -3.53
N VAL A 42 6.86 14.93 -2.50
CA VAL A 42 6.45 13.80 -1.67
C VAL A 42 6.38 14.25 -0.22
N SER A 43 5.38 13.78 0.51
CA SER A 43 5.25 14.09 1.93
C SER A 43 5.16 12.80 2.74
N ILE A 44 5.93 12.74 3.84
CA ILE A 44 5.96 11.61 4.76
C ILE A 44 5.03 11.92 5.94
N LEU A 45 3.98 11.10 6.10
N LEU A 45 3.98 11.11 6.10
CA LEU A 45 3.06 11.24 7.22
CA LEU A 45 3.08 11.25 7.23
C LEU A 45 3.62 10.41 8.38
C LEU A 45 3.62 10.42 8.38
N ASP A 46 4.20 11.07 9.38
CA ASP A 46 4.88 10.33 10.43
C ASP A 46 5.11 11.19 11.67
N ASP A 47 6.26 11.02 12.31
CA ASP A 47 6.56 11.68 13.58
C ASP A 47 7.37 12.96 13.40
N GLY A 48 7.50 13.45 12.19
CA GLY A 48 8.24 14.66 11.88
C GLY A 48 9.39 14.39 10.94
N ILE A 49 10.02 15.48 10.51
CA ILE A 49 11.15 15.38 9.58
C ILE A 49 12.22 16.37 10.01
N GLU A 50 13.45 15.90 10.12
CA GLU A 50 14.59 16.75 10.45
C GLU A 50 14.98 17.53 9.20
N LYS A 51 14.37 18.71 9.05
CA LYS A 51 14.44 19.42 7.78
C LYS A 51 15.82 19.97 7.52
N ASN A 52 16.62 20.11 8.56
CA ASN A 52 18.00 20.58 8.44
C ASN A 52 19.00 19.45 8.35
N HIS A 53 18.54 18.21 8.17
CA HIS A 53 19.50 17.11 8.01
C HIS A 53 20.38 17.40 6.80
N PRO A 54 21.71 17.22 6.91
N PRO A 54 21.70 17.17 6.90
CA PRO A 54 22.56 17.51 5.76
CA PRO A 54 22.58 17.50 5.76
C PRO A 54 22.20 16.76 4.48
C PRO A 54 22.26 16.72 4.49
N ASP A 55 21.53 15.60 4.57
CA ASP A 55 21.14 14.87 3.38
C ASP A 55 19.68 15.11 2.98
N LEU A 56 18.96 15.97 3.69
CA LEU A 56 17.59 16.33 3.32
C LEU A 56 17.40 17.80 3.00
N ALA A 57 18.23 18.68 3.58
CA ALA A 57 17.98 20.12 3.46
C ALA A 57 17.87 20.57 2.02
N GLY A 58 18.71 20.02 1.13
CA GLY A 58 18.72 20.49 -0.24
C GLY A 58 17.46 20.17 -1.01
N ASN A 59 16.71 19.17 -0.56
CA ASN A 59 15.46 18.80 -1.19
C ASN A 59 14.25 19.14 -0.34
N TYR A 60 14.44 19.71 0.84
CA TYR A 60 13.34 19.93 1.74
C TYR A 60 12.38 20.97 1.19
N ASP A 61 11.09 20.70 1.34
CA ASP A 61 10.03 21.57 0.84
C ASP A 61 9.05 21.92 1.96
N PRO A 62 9.07 23.16 2.46
CA PRO A 62 8.10 23.54 3.50
C PRO A 62 6.66 23.39 3.06
N GLY A 63 6.38 23.55 1.76
CA GLY A 63 5.04 23.37 1.22
C GLY A 63 4.57 21.94 1.22
N ALA A 64 5.45 20.99 1.50
CA ALA A 64 5.06 19.59 1.65
C ALA A 64 4.97 19.20 3.12
N SER A 65 4.93 20.17 4.02
CA SER A 65 5.13 19.91 5.43
C SER A 65 4.13 20.65 6.28
N PHE A 66 3.83 20.06 7.45
CA PHE A 66 3.02 20.68 8.47
C PHE A 66 3.18 19.91 9.77
N ASP A 67 2.85 20.56 10.86
CA ASP A 67 2.86 19.95 12.19
C ASP A 67 1.43 19.96 12.67
N VAL A 68 0.71 18.84 12.50
N VAL A 68 0.73 18.84 12.49
CA VAL A 68 -0.68 18.77 12.96
CA VAL A 68 -0.64 18.76 12.94
C VAL A 68 -0.79 18.33 14.42
C VAL A 68 -0.68 18.58 14.46
N ASN A 69 0.31 17.90 15.04
CA ASN A 69 0.29 17.63 16.47
C ASN A 69 0.31 18.92 17.28
N ASP A 70 1.15 19.89 16.89
CA ASP A 70 1.25 21.16 17.61
C ASP A 70 0.61 22.32 16.86
N GLN A 71 0.05 22.08 15.68
CA GLN A 71 -0.68 23.09 14.91
C GLN A 71 0.25 24.26 14.54
N ASP A 72 1.29 23.93 13.78
CA ASP A 72 2.21 24.93 13.25
C ASP A 72 2.80 24.39 11.97
N PRO A 73 3.51 25.21 11.19
CA PRO A 73 3.98 24.74 9.88
C PRO A 73 5.24 23.90 9.94
N ASP A 74 5.90 23.82 11.10
CA ASP A 74 7.26 23.33 11.21
C ASP A 74 7.26 21.90 11.73
N PRO A 75 7.60 20.91 10.91
CA PRO A 75 7.48 19.50 11.33
C PRO A 75 8.71 18.95 12.02
N GLN A 76 9.57 19.83 12.51
CA GLN A 76 10.78 19.36 13.17
C GLN A 76 10.42 18.35 14.26
N PRO A 77 11.15 17.25 14.36
CA PRO A 77 10.83 16.25 15.40
C PRO A 77 11.13 16.76 16.79
N ARG A 78 10.43 16.16 17.76
CA ARG A 78 10.71 16.35 19.18
C ARG A 78 11.88 15.44 19.57
N TYR A 79 12.96 16.04 20.04
CA TYR A 79 14.17 15.31 20.37
C TYR A 79 14.06 14.77 21.78
N THR A 80 14.36 13.48 21.93
CA THR A 80 14.29 12.79 23.22
C THR A 80 15.50 11.88 23.34
N GLN A 81 15.77 11.48 24.59
N GLN A 81 15.81 11.47 24.58
CA GLN A 81 16.91 10.62 24.88
CA GLN A 81 17.02 10.67 24.74
C GLN A 81 16.85 9.32 24.11
C GLN A 81 16.87 9.25 24.21
N MET A 82 15.66 8.81 23.86
CA MET A 82 15.50 7.53 23.17
C MET A 82 15.38 7.68 21.67
N ASN A 83 15.43 8.90 21.14
CA ASN A 83 15.30 9.15 19.71
C ASN A 83 14.03 8.53 19.15
N ASP A 84 12.94 8.70 19.90
CA ASP A 84 11.64 8.14 19.54
C ASP A 84 11.15 8.63 18.18
N ASN A 85 11.39 9.90 17.87
CA ASN A 85 10.74 10.57 16.75
C ASN A 85 11.64 10.67 15.55
N ARG A 86 12.31 9.58 15.24
CA ARG A 86 13.27 9.52 14.15
C ARG A 86 12.70 8.92 12.89
N HIS A 87 11.51 8.35 12.94
CA HIS A 87 11.09 7.50 11.84
C HIS A 87 10.80 8.31 10.58
N GLY A 88 10.18 9.47 10.73
CA GLY A 88 9.88 10.27 9.55
C GLY A 88 11.13 10.70 8.82
N THR A 89 12.20 11.00 9.58
CA THR A 89 13.46 11.38 8.97
C THR A 89 14.08 10.21 8.20
N ARG A 90 14.01 8.99 8.77
CA ARG A 90 14.45 7.81 8.04
C ARG A 90 13.66 7.63 6.75
N CYS A 91 12.34 7.77 6.82
CA CYS A 91 11.52 7.57 5.62
C CYS A 91 11.80 8.65 4.58
N ALA A 92 11.95 9.90 5.00
CA ALA A 92 12.22 10.99 4.07
C ALA A 92 13.49 10.71 3.27
N GLY A 93 14.54 10.21 3.91
CA GLY A 93 15.77 9.96 3.19
C GLY A 93 15.64 8.83 2.19
N GLU A 94 14.81 7.84 2.49
CA GLU A 94 14.55 6.77 1.53
C GLU A 94 14.01 7.33 0.23
N VAL A 95 13.11 8.30 0.31
CA VAL A 95 12.51 8.89 -0.87
C VAL A 95 13.49 9.80 -1.57
N ALA A 96 14.13 10.71 -0.81
CA ALA A 96 14.70 11.89 -1.46
C ALA A 96 15.97 12.40 -0.79
N ALA A 97 16.75 11.54 -0.16
CA ALA A 97 18.06 11.99 0.30
C ALA A 97 18.86 12.51 -0.90
N VAL A 98 19.62 13.58 -0.66
CA VAL A 98 20.40 14.24 -1.69
C VAL A 98 21.51 13.32 -2.17
N ALA A 99 21.81 13.39 -3.46
CA ALA A 99 22.83 12.54 -4.09
C ALA A 99 24.09 13.34 -4.37
N ASN A 100 25.22 12.64 -4.38
CA ASN A 100 26.51 13.18 -4.82
C ASN A 100 26.99 14.34 -3.95
N ASN A 101 26.70 14.24 -2.65
CA ASN A 101 27.04 15.29 -1.69
C ASN A 101 27.93 14.79 -0.56
N GLY A 102 28.49 13.60 -0.69
CA GLY A 102 29.40 13.06 0.30
C GLY A 102 28.78 12.70 1.63
N VAL A 103 27.46 12.61 1.71
CA VAL A 103 26.75 12.36 2.95
C VAL A 103 25.85 11.14 2.75
N CYS A 104 25.92 10.20 3.70
N CYS A 104 25.88 10.22 3.73
CA CYS A 104 25.07 9.01 3.75
CA CYS A 104 25.04 9.02 3.75
C CYS A 104 24.88 8.38 2.36
C CYS A 104 24.87 8.40 2.36
N GLY A 105 23.64 8.09 1.98
CA GLY A 105 23.36 7.51 0.68
C GLY A 105 22.54 8.42 -0.19
N VAL A 106 21.57 7.88 -0.93
CA VAL A 106 20.72 8.67 -1.80
C VAL A 106 19.29 8.20 -1.67
N GLY A 107 18.37 9.09 -2.01
CA GLY A 107 16.98 8.71 -2.15
C GLY A 107 16.74 8.02 -3.48
N VAL A 108 15.64 7.25 -3.53
CA VAL A 108 15.20 6.70 -4.80
C VAL A 108 14.97 7.81 -5.79
N ALA A 109 14.34 8.89 -5.36
CA ALA A 109 14.03 10.06 -6.17
C ALA A 109 14.84 11.23 -5.63
N TYR A 110 16.15 11.17 -5.86
CA TYR A 110 17.05 12.05 -5.13
C TYR A 110 17.01 13.49 -5.63
N ASN A 111 16.21 13.79 -6.66
CA ASN A 111 15.94 15.17 -7.03
C ASN A 111 14.50 15.59 -6.77
N ALA A 112 13.72 14.75 -6.12
CA ALA A 112 12.38 15.16 -5.70
C ALA A 112 12.47 16.12 -4.52
N ARG A 113 11.37 16.83 -4.30
CA ARG A 113 11.23 17.63 -3.10
C ARG A 113 10.50 16.81 -2.04
N ILE A 114 10.89 16.99 -0.78
CA ILE A 114 10.44 16.13 0.30
C ILE A 114 10.00 16.97 1.48
N GLY A 115 8.88 16.60 2.08
CA GLY A 115 8.43 17.20 3.32
C GLY A 115 7.88 16.13 4.23
N GLY A 116 7.40 16.57 5.38
CA GLY A 116 6.84 15.65 6.35
C GLY A 116 5.70 16.30 7.08
N VAL A 117 4.72 15.48 7.44
CA VAL A 117 3.66 15.89 8.33
C VAL A 117 3.94 15.27 9.69
N ARG A 118 4.17 16.13 10.69
CA ARG A 118 4.31 15.68 12.06
C ARG A 118 2.90 15.46 12.58
N MET A 119 2.49 14.19 12.63
N MET A 119 2.50 14.18 12.67
CA MET A 119 1.15 13.83 13.04
CA MET A 119 1.14 13.85 13.06
C MET A 119 1.08 12.72 14.07
C MET A 119 1.02 12.60 13.93
N LEU A 120 2.11 11.88 14.19
CA LEU A 120 2.06 10.74 15.08
C LEU A 120 2.55 11.02 16.49
N ASP A 121 3.10 12.20 16.74
CA ASP A 121 3.67 12.51 18.06
C ASP A 121 2.65 13.29 18.87
N GLY A 122 1.57 12.59 19.18
CA GLY A 122 0.40 13.15 19.82
C GLY A 122 -0.77 12.22 19.61
N GLU A 123 -1.91 12.63 20.16
CA GLU A 123 -3.13 11.85 19.99
C GLU A 123 -3.56 11.92 18.53
N VAL A 124 -3.73 10.77 17.91
CA VAL A 124 -4.12 10.70 16.51
C VAL A 124 -5.64 10.50 16.46
N THR A 125 -6.34 11.58 16.16
CA THR A 125 -7.77 11.60 15.99
C THR A 125 -8.10 11.56 14.50
N ASP A 126 -9.39 11.36 14.21
CA ASP A 126 -9.88 11.45 12.85
C ASP A 126 -9.53 12.79 12.23
N ALA A 127 -9.68 13.87 13.00
CA ALA A 127 -9.37 15.20 12.48
C ALA A 127 -7.88 15.34 12.15
N VAL A 128 -7.02 14.83 13.01
CA VAL A 128 -5.58 14.84 12.75
C VAL A 128 -5.28 14.11 11.46
N GLU A 129 -5.85 12.91 11.30
CA GLU A 129 -5.64 12.13 10.09
C GLU A 129 -6.10 12.88 8.86
N ALA A 130 -7.29 13.47 8.93
CA ALA A 130 -7.85 14.16 7.77
C ALA A 130 -7.02 15.37 7.37
N ARG A 131 -6.55 16.14 8.37
CA ARG A 131 -5.75 17.32 8.06
C ARG A 131 -4.39 16.96 7.50
N SER A 132 -3.92 15.74 7.79
CA SER A 132 -2.65 15.26 7.27
C SER A 132 -2.78 14.74 5.84
N LEU A 133 -3.78 13.86 5.63
CA LEU A 133 -4.04 13.33 4.30
C LEU A 133 -4.42 14.44 3.34
N GLY A 134 -5.03 15.51 3.83
CA GLY A 134 -5.47 16.59 2.99
C GLY A 134 -4.53 17.77 2.96
N LEU A 135 -3.28 17.58 3.38
CA LEU A 135 -2.34 18.69 3.37
C LEU A 135 -2.01 19.09 1.93
N ASN A 136 -2.18 20.37 1.63
CA ASN A 136 -1.71 21.01 0.39
C ASN A 136 -1.84 20.09 -0.83
N PRO A 137 -3.07 19.65 -1.15
CA PRO A 137 -3.24 18.57 -2.14
C PRO A 137 -3.05 19.00 -3.58
N ASN A 138 -2.87 20.30 -3.83
CA ASN A 138 -2.48 20.74 -5.15
C ASN A 138 -1.01 21.09 -5.24
N HIS A 139 -0.26 20.81 -4.19
CA HIS A 139 1.19 20.94 -4.19
C HIS A 139 1.88 19.60 -4.00
N ILE A 140 1.46 18.82 -3.02
CA ILE A 140 2.01 17.50 -2.79
C ILE A 140 1.43 16.52 -3.81
N HIS A 141 2.30 15.72 -4.43
CA HIS A 141 1.84 14.74 -5.40
C HIS A 141 1.58 13.40 -4.74
N ILE A 142 2.46 13.01 -3.84
CA ILE A 142 2.52 11.66 -3.30
C ILE A 142 2.66 11.76 -1.80
N TYR A 143 1.85 10.99 -1.08
CA TYR A 143 1.87 10.89 0.36
C TYR A 143 2.31 9.49 0.73
N SER A 144 3.20 9.38 1.72
CA SER A 144 3.73 8.09 2.15
C SER A 144 3.39 7.91 3.62
N ALA A 145 2.70 6.81 3.93
CA ALA A 145 2.28 6.52 5.30
C ALA A 145 2.68 5.10 5.65
N SER A 146 3.39 4.95 6.75
CA SER A 146 3.98 3.66 7.10
C SER A 146 3.23 2.94 8.21
N TRP A 147 2.15 3.51 8.71
CA TRP A 147 1.51 3.07 9.93
C TRP A 147 0.00 3.16 9.79
N GLY A 148 -0.68 2.53 10.72
CA GLY A 148 -2.13 2.51 10.73
C GLY A 148 -2.62 2.08 12.10
N PRO A 149 -3.76 1.39 12.14
CA PRO A 149 -4.25 0.86 13.40
C PRO A 149 -3.25 -0.14 13.98
N GLU A 150 -3.33 -0.34 15.27
CA GLU A 150 -2.39 -1.21 15.96
C GLU A 150 -2.28 -2.56 15.28
N ASP A 151 -1.04 -3.02 15.10
CA ASP A 151 -0.73 -4.30 14.48
C ASP A 151 -0.68 -5.42 15.51
N ASP A 152 -1.71 -5.49 16.35
CA ASP A 152 -1.74 -6.46 17.43
C ASP A 152 -2.45 -7.75 17.03
N GLY A 153 -2.96 -7.82 15.81
CA GLY A 153 -3.63 -9.01 15.35
C GLY A 153 -5.01 -9.19 15.91
N LYS A 154 -5.57 -8.15 16.53
CA LYS A 154 -6.93 -8.25 17.05
C LYS A 154 -7.76 -7.01 16.75
N THR A 155 -7.20 -6.03 16.07
CA THR A 155 -7.89 -4.79 15.78
C THR A 155 -8.51 -4.85 14.40
N VAL A 156 -9.74 -4.34 14.27
CA VAL A 156 -10.35 -4.03 12.98
C VAL A 156 -10.70 -2.56 13.03
N ASP A 157 -10.00 -1.74 12.24
CA ASP A 157 -10.28 -0.32 12.25
C ASP A 157 -9.74 0.28 10.96
N GLY A 158 -10.23 1.47 10.66
CA GLY A 158 -9.88 2.16 9.45
C GLY A 158 -10.23 3.62 9.60
N PRO A 159 -10.10 4.37 8.50
CA PRO A 159 -10.40 5.80 8.58
C PRO A 159 -11.84 6.03 9.00
N ALA A 160 -12.02 6.94 9.94
CA ALA A 160 -13.33 7.43 10.32
C ALA A 160 -13.75 8.47 9.29
N ARG A 161 -14.81 9.22 9.58
CA ARG A 161 -15.48 9.93 8.51
C ARG A 161 -14.60 11.02 7.89
N LEU A 162 -13.94 11.83 8.71
CA LEU A 162 -13.14 12.92 8.13
C LEU A 162 -11.99 12.35 7.30
N ALA A 163 -11.34 11.31 7.79
CA ALA A 163 -10.21 10.73 7.05
C ALA A 163 -10.67 10.09 5.75
N GLU A 164 -11.81 9.40 5.77
N GLU A 164 -11.83 9.42 5.79
CA GLU A 164 -12.30 8.84 4.51
CA GLU A 164 -12.39 8.83 4.59
C GLU A 164 -12.67 9.96 3.54
C GLU A 164 -12.74 9.91 3.56
N GLU A 165 -13.30 11.03 4.05
CA GLU A 165 -13.59 12.17 3.18
C GLU A 165 -12.31 12.75 2.60
N ALA A 166 -11.23 12.74 3.39
CA ALA A 166 -9.95 13.23 2.88
C ALA A 166 -9.42 12.34 1.77
N PHE A 167 -9.56 11.02 1.89
CA PHE A 167 -9.19 10.14 0.80
C PHE A 167 -10.02 10.45 -0.45
N PHE A 168 -11.32 10.62 -0.31
N PHE A 168 -11.34 10.54 -0.28
CA PHE A 168 -12.10 10.81 -1.55
CA PHE A 168 -12.28 10.86 -1.35
C PHE A 168 -11.86 12.19 -2.13
C PHE A 168 -11.83 12.14 -2.06
N ARG A 169 -11.67 13.21 -1.29
CA ARG A 169 -11.32 14.52 -1.84
C ARG A 169 -9.96 14.49 -2.51
N GLY A 170 -9.02 13.74 -1.92
CA GLY A 170 -7.69 13.67 -2.48
C GLY A 170 -7.66 13.04 -3.86
N VAL A 171 -8.30 11.87 -3.98
CA VAL A 171 -8.22 11.18 -5.26
C VAL A 171 -9.10 11.84 -6.31
N SER A 172 -10.11 12.61 -5.88
CA SER A 172 -11.04 13.21 -6.82
C SER A 172 -10.56 14.58 -7.30
N GLN A 173 -10.23 15.47 -6.37
CA GLN A 173 -9.83 16.83 -6.72
C GLN A 173 -8.35 17.10 -6.54
N GLY A 174 -7.64 16.27 -5.77
CA GLY A 174 -6.23 16.48 -5.57
C GLY A 174 -5.45 16.40 -6.87
N ARG A 175 -4.28 17.05 -6.85
CA ARG A 175 -3.35 17.01 -7.97
C ARG A 175 -4.03 17.41 -9.27
N GLY A 176 -4.74 18.54 -9.21
CA GLY A 176 -5.36 19.07 -10.41
C GLY A 176 -6.44 18.18 -10.96
N GLY A 177 -7.05 17.36 -10.13
CA GLY A 177 -8.05 16.42 -10.57
C GLY A 177 -7.52 15.06 -10.97
N LEU A 178 -6.20 14.89 -10.99
CA LEU A 178 -5.63 13.58 -11.30
C LEU A 178 -5.65 12.65 -10.09
N GLY A 179 -5.72 13.21 -8.89
CA GLY A 179 -5.79 12.43 -7.67
C GLY A 179 -4.48 12.29 -6.93
N SER A 180 -4.51 12.65 -5.65
CA SER A 180 -3.42 12.36 -4.74
C SER A 180 -3.07 10.88 -4.81
N ILE A 181 -1.77 10.58 -4.78
CA ILE A 181 -1.30 9.22 -4.70
C ILE A 181 -0.92 8.94 -3.25
N PHE A 182 -1.68 8.07 -2.60
CA PHE A 182 -1.45 7.66 -1.22
C PHE A 182 -0.77 6.30 -1.21
N VAL A 183 0.48 6.26 -0.77
CA VAL A 183 1.25 5.02 -0.69
C VAL A 183 1.23 4.57 0.77
N TRP A 184 0.92 3.31 1.01
CA TRP A 184 0.72 2.79 2.35
C TRP A 184 1.49 1.50 2.58
N ALA A 185 2.04 1.36 3.78
CA ALA A 185 2.61 0.11 4.20
C ALA A 185 1.51 -0.83 4.66
N SER A 186 1.60 -2.09 4.27
CA SER A 186 0.52 -3.01 4.59
C SER A 186 0.54 -3.52 6.02
N GLY A 187 1.62 -3.30 6.78
CA GLY A 187 1.60 -3.56 8.20
C GLY A 187 2.81 -4.32 8.70
N ASN A 188 3.04 -4.28 10.03
CA ASN A 188 4.15 -4.96 10.67
C ASN A 188 3.69 -6.06 11.63
N GLY A 189 2.46 -6.50 11.52
CA GLY A 189 1.87 -7.41 12.50
C GLY A 189 2.06 -8.89 12.27
N GLY A 190 3.07 -9.28 11.49
CA GLY A 190 3.28 -10.69 11.18
C GLY A 190 3.39 -11.58 12.40
N ARG A 191 4.12 -11.14 13.44
CA ARG A 191 4.32 -12.08 14.54
C ARG A 191 3.06 -12.25 15.36
N GLU A 192 2.12 -11.35 15.21
CA GLU A 192 0.80 -11.47 15.82
C GLU A 192 -0.20 -12.13 14.89
N HIS A 193 0.26 -12.69 13.78
CA HIS A 193 -0.61 -13.29 12.79
C HIS A 193 -1.67 -12.32 12.31
N ASP A 194 -1.31 -11.05 12.18
CA ASP A 194 -2.26 -10.07 11.69
C ASP A 194 -2.52 -10.30 10.20
N SER A 195 -3.68 -9.84 9.76
CA SER A 195 -4.22 -10.07 8.42
C SER A 195 -4.65 -8.69 7.95
N CYS A 196 -3.99 -8.14 6.92
CA CYS A 196 -4.00 -6.70 6.76
C CYS A 196 -5.28 -6.13 6.14
N ASN A 197 -6.22 -6.96 5.68
CA ASN A 197 -7.47 -6.33 5.27
C ASN A 197 -8.26 -5.80 6.46
N CYS A 198 -7.85 -6.15 7.68
CA CYS A 198 -8.43 -5.59 8.88
C CYS A 198 -7.92 -4.19 9.20
N ASP A 199 -7.02 -3.65 8.37
CA ASP A 199 -6.50 -2.29 8.44
C ASP A 199 -7.14 -1.52 7.29
N GLY A 200 -8.10 -0.66 7.60
CA GLY A 200 -8.87 0.01 6.57
C GLY A 200 -8.10 1.03 5.76
N TYR A 201 -6.90 1.40 6.21
CA TYR A 201 -6.08 2.32 5.42
C TYR A 201 -5.43 1.57 4.27
N THR A 202 -4.76 0.47 4.57
CA THR A 202 -4.12 -0.29 3.50
C THR A 202 -5.17 -1.04 2.67
N ASN A 203 -6.28 -1.46 3.30
CA ASN A 203 -7.38 -2.12 2.57
C ASN A 203 -8.17 -1.19 1.65
N SER A 204 -7.92 0.11 1.71
CA SER A 204 -8.60 1.07 0.86
C SER A 204 -8.18 0.93 -0.59
N ILE A 205 -9.13 1.14 -1.50
CA ILE A 205 -8.76 1.22 -2.91
C ILE A 205 -7.95 2.49 -3.19
N TYR A 206 -8.06 3.50 -2.34
CA TYR A 206 -7.42 4.79 -2.60
C TYR A 206 -5.97 4.80 -2.21
N THR A 207 -5.50 3.75 -1.52
CA THR A 207 -4.11 3.65 -1.16
C THR A 207 -3.44 2.58 -2.00
N LEU A 208 -2.21 2.85 -2.37
CA LEU A 208 -1.39 1.95 -3.15
C LEU A 208 -0.52 1.22 -2.12
N SER A 209 -0.90 -0.02 -1.81
CA SER A 209 -0.38 -0.70 -0.63
C SER A 209 0.78 -1.61 -0.95
N ILE A 210 1.78 -1.58 -0.06
CA ILE A 210 3.10 -2.15 -0.32
C ILE A 210 3.50 -3.04 0.85
N SER A 211 4.02 -4.24 0.53
CA SER A 211 4.58 -5.17 1.49
C SER A 211 6.09 -5.30 1.25
N SER A 212 6.71 -6.18 2.02
CA SER A 212 8.16 -6.31 2.08
C SER A 212 8.66 -7.68 1.66
N ALA A 213 9.91 -7.70 1.18
CA ALA A 213 10.67 -8.91 0.95
C ALA A 213 12.04 -8.73 1.58
N THR A 214 12.59 -9.83 2.10
CA THR A 214 13.92 -9.78 2.67
C THR A 214 14.96 -9.82 1.55
N GLN A 215 16.21 -9.54 1.91
CA GLN A 215 17.28 -9.52 0.92
C GLN A 215 17.37 -10.83 0.16
N PHE A 216 17.18 -11.96 0.85
CA PHE A 216 17.29 -13.26 0.21
C PHE A 216 15.96 -13.68 -0.46
N GLY A 217 14.99 -12.79 -0.51
CA GLY A 217 13.77 -13.03 -1.26
C GLY A 217 12.69 -13.73 -0.48
N ASN A 218 12.65 -13.58 0.83
CA ASN A 218 11.67 -14.27 1.65
C ASN A 218 10.68 -13.30 2.28
N VAL A 219 9.61 -13.87 2.82
CA VAL A 219 8.58 -13.11 3.51
C VAL A 219 9.08 -12.81 4.92
N PRO A 220 9.30 -11.54 5.28
CA PRO A 220 9.87 -11.24 6.59
C PRO A 220 8.94 -11.61 7.72
N TRP A 221 9.54 -11.81 8.88
CA TRP A 221 8.78 -12.16 10.07
C TRP A 221 7.62 -11.20 10.34
N TYR A 222 7.78 -9.92 9.99
CA TYR A 222 6.79 -8.90 10.33
C TYR A 222 5.69 -8.73 9.29
N SER A 223 5.78 -9.41 8.16
CA SER A 223 4.84 -9.20 7.06
C SER A 223 3.42 -9.68 7.42
N GLU A 224 2.44 -8.94 6.94
CA GLU A 224 1.03 -9.34 6.97
C GLU A 224 0.61 -9.69 5.55
N ALA A 225 -0.08 -10.82 5.41
CA ALA A 225 -0.64 -11.21 4.14
C ALA A 225 -2.07 -10.67 4.03
N CYS A 226 -2.43 -10.20 2.84
CA CYS A 226 -3.82 -9.88 2.57
C CYS A 226 -4.00 -9.60 1.10
N SER A 227 -5.26 -9.63 0.68
CA SER A 227 -5.59 -9.50 -0.73
C SER A 227 -5.56 -8.05 -1.21
N SER A 228 -5.49 -7.08 -0.29
CA SER A 228 -5.51 -5.69 -0.71
C SER A 228 -4.14 -5.18 -1.13
N THR A 229 -3.07 -5.90 -0.80
CA THR A 229 -1.73 -5.46 -1.16
C THR A 229 -1.55 -5.48 -2.68
N LEU A 230 -0.80 -4.51 -3.19
N LEU A 230 -0.83 -4.49 -3.20
CA LEU A 230 -0.57 -4.41 -4.63
CA LEU A 230 -0.56 -4.41 -4.63
C LEU A 230 0.83 -4.78 -5.07
C LEU A 230 0.82 -4.89 -5.02
N ALA A 231 1.85 -4.53 -4.25
CA ALA A 231 3.23 -4.84 -4.66
C ALA A 231 4.15 -4.79 -3.45
N THR A 232 5.44 -4.96 -3.73
CA THR A 232 6.46 -5.23 -2.72
C THR A 232 7.71 -4.38 -2.98
N THR A 233 8.36 -3.97 -1.90
CA THR A 233 9.73 -3.48 -1.99
C THR A 233 10.56 -4.22 -0.94
N TYR A 234 11.87 -4.23 -1.18
CA TYR A 234 12.78 -4.84 -0.23
C TYR A 234 12.77 -4.09 1.09
N SER A 235 12.99 -4.84 2.17
CA SER A 235 13.23 -4.26 3.47
C SER A 235 14.08 -5.26 4.26
N SER A 236 13.99 -5.20 5.59
CA SER A 236 14.83 -5.98 6.49
C SER A 236 14.29 -7.39 6.65
N GLY A 237 15.13 -8.24 7.23
CA GLY A 237 14.83 -9.64 7.47
C GLY A 237 15.59 -10.13 8.68
N ASN A 238 16.35 -11.21 8.54
CA ASN A 238 17.09 -11.79 9.65
C ASN A 238 18.43 -11.05 9.79
N GLN A 239 19.26 -11.49 10.71
CA GLN A 239 20.45 -10.70 11.02
C GLN A 239 21.61 -11.00 10.09
N ASN A 240 21.44 -11.93 9.16
CA ASN A 240 22.38 -12.14 8.06
C ASN A 240 22.00 -11.33 6.82
N GLU A 241 20.83 -10.74 6.80
CA GLU A 241 20.33 -9.99 5.67
C GLU A 241 20.50 -8.50 5.95
N LYS A 242 20.81 -7.74 4.93
CA LYS A 242 21.02 -6.33 5.12
C LYS A 242 19.68 -5.62 5.28
N GLN A 243 19.74 -4.35 5.67
CA GLN A 243 18.56 -3.56 6.01
C GLN A 243 18.55 -2.29 5.19
N ILE A 244 17.71 -1.32 5.56
CA ILE A 244 17.59 -0.09 4.79
C ILE A 244 18.55 0.94 5.34
N VAL A 245 19.25 1.61 4.43
CA VAL A 245 20.28 2.59 4.75
C VAL A 245 19.74 3.96 4.40
N THR A 246 19.74 4.87 5.38
CA THR A 246 19.07 6.14 5.17
C THR A 246 19.50 7.17 6.21
N THR A 247 18.92 8.35 6.06
CA THR A 247 19.12 9.46 6.98
C THR A 247 18.50 9.16 8.34
N ASP A 248 19.14 9.61 9.41
CA ASP A 248 18.62 9.38 10.74
C ASP A 248 18.63 10.68 11.51
N LEU A 249 17.82 10.70 12.56
CA LEU A 249 17.72 11.84 13.45
C LEU A 249 19.10 12.21 14.00
N ARG A 250 19.27 13.52 14.26
CA ARG A 250 20.51 14.11 14.76
C ARG A 250 21.60 14.10 13.70
N GLN A 251 21.20 14.25 12.44
CA GLN A 251 22.11 14.51 11.33
C GLN A 251 23.04 13.34 11.09
N LYS A 252 22.52 12.15 11.32
CA LYS A 252 23.28 10.91 11.26
C LYS A 252 22.79 10.07 10.08
N CYS A 253 23.38 8.89 9.96
N CYS A 253 23.50 8.99 9.84
CA CYS A 253 23.07 7.93 8.91
CA CYS A 253 23.00 7.93 8.96
C CYS A 253 22.92 6.54 9.52
C CYS A 253 22.62 6.74 9.82
N THR A 254 21.81 5.88 9.23
CA THR A 254 21.52 4.57 9.80
C THR A 254 21.62 3.52 8.71
N GLU A 255 22.07 2.33 9.11
CA GLU A 255 22.03 1.14 8.25
C GLU A 255 21.02 0.13 8.75
N SER A 256 20.14 0.52 9.69
CA SER A 256 19.28 -0.45 10.35
C SER A 256 17.83 0.01 10.41
N HIS A 257 17.35 0.57 9.31
CA HIS A 257 15.92 0.89 9.13
C HIS A 257 15.22 -0.36 8.61
N THR A 258 14.02 -0.63 9.15
CA THR A 258 13.45 -1.97 9.06
C THR A 258 11.94 -1.91 8.85
N GLY A 259 11.38 -3.09 8.55
CA GLY A 259 9.95 -3.31 8.56
C GLY A 259 9.25 -2.90 7.28
N THR A 260 7.97 -3.26 7.22
CA THR A 260 7.15 -2.81 6.09
C THR A 260 7.06 -1.30 6.07
N SER A 261 7.17 -0.70 7.24
CA SER A 261 7.18 0.75 7.36
C SER A 261 8.39 1.38 6.67
N ALA A 262 9.43 0.60 6.35
CA ALA A 262 10.50 1.10 5.48
C ALA A 262 10.25 0.79 4.01
N SER A 263 9.31 -0.09 3.69
CA SER A 263 9.04 -0.41 2.29
C SER A 263 8.21 0.66 1.60
N ALA A 264 7.22 1.23 2.30
CA ALA A 264 6.34 2.19 1.64
C ALA A 264 7.12 3.41 1.14
N PRO A 265 8.06 3.98 1.87
CA PRO A 265 8.80 5.13 1.32
C PRO A 265 9.59 4.78 0.07
N LEU A 266 10.16 3.59 -0.02
CA LEU A 266 10.87 3.22 -1.25
C LEU A 266 9.90 3.19 -2.43
N ALA A 267 8.71 2.63 -2.21
CA ALA A 267 7.68 2.65 -3.24
C ALA A 267 7.30 4.07 -3.61
N ALA A 268 7.13 4.95 -2.62
CA ALA A 268 6.78 6.35 -2.89
C ALA A 268 7.84 7.00 -3.77
N GLY A 269 9.10 6.68 -3.51
CA GLY A 269 10.16 7.18 -4.39
C GLY A 269 10.05 6.65 -5.81
N ILE A 270 9.76 5.37 -5.97
CA ILE A 270 9.61 4.84 -7.33
C ILE A 270 8.43 5.48 -8.03
N ILE A 271 7.34 5.68 -7.28
CA ILE A 271 6.19 6.37 -7.85
C ILE A 271 6.54 7.79 -8.24
N ALA A 272 7.41 8.46 -7.47
CA ALA A 272 7.86 9.80 -7.86
C ALA A 272 8.62 9.77 -9.20
N LEU A 273 9.50 8.78 -9.39
CA LEU A 273 10.19 8.68 -10.67
C LEU A 273 9.20 8.49 -11.80
N THR A 274 8.18 7.66 -11.55
CA THR A 274 7.18 7.34 -12.55
C THR A 274 6.36 8.58 -12.91
N LEU A 275 5.96 9.37 -11.91
N LEU A 275 5.99 9.38 -11.92
CA LEU A 275 5.23 10.60 -12.17
CA LEU A 275 5.22 10.59 -12.18
C LEU A 275 6.07 11.56 -13.00
C LEU A 275 6.04 11.64 -12.92
N GLU A 276 7.36 11.69 -12.70
CA GLU A 276 8.20 12.56 -13.51
C GLU A 276 8.14 12.13 -14.98
N ALA A 277 8.07 10.82 -15.20
CA ALA A 277 8.02 10.28 -16.55
C ALA A 277 6.70 10.61 -17.24
N ASN A 278 5.64 10.80 -16.48
CA ASN A 278 4.35 11.18 -17.07
C ASN A 278 3.53 11.88 -15.98
N LYS A 279 3.55 13.21 -15.98
CA LYS A 279 2.88 13.95 -14.92
C LYS A 279 1.37 13.89 -15.02
N ASN A 280 0.85 13.36 -16.13
N ASN A 280 0.82 13.39 -16.14
CA ASN A 280 -0.59 13.30 -16.34
CA ASN A 280 -0.62 13.30 -16.33
C ASN A 280 -1.21 12.02 -15.82
C ASN A 280 -1.17 11.92 -15.97
N LEU A 281 -0.43 11.14 -15.18
CA LEU A 281 -0.96 9.89 -14.66
C LEU A 281 -1.97 10.17 -13.54
N THR A 282 -3.11 9.47 -13.59
CA THR A 282 -4.07 9.56 -12.51
C THR A 282 -3.71 8.59 -11.40
N TRP A 283 -4.41 8.72 -10.27
CA TRP A 283 -4.17 7.82 -9.16
C TRP A 283 -4.47 6.37 -9.54
N ARG A 284 -5.45 6.14 -10.42
CA ARG A 284 -5.72 4.80 -10.89
C ARG A 284 -4.70 4.35 -11.92
N ASP A 285 -4.28 5.25 -12.82
CA ASP A 285 -3.22 4.91 -13.75
C ASP A 285 -2.03 4.34 -13.01
N MET A 286 -1.66 4.97 -11.88
CA MET A 286 -0.48 4.55 -11.15
C MET A 286 -0.63 3.12 -10.65
N GLN A 287 -1.83 2.77 -10.20
CA GLN A 287 -2.05 1.40 -9.73
C GLN A 287 -1.99 0.41 -10.89
N HIS A 288 -2.53 0.78 -12.05
CA HIS A 288 -2.41 -0.04 -13.25
C HIS A 288 -0.94 -0.30 -13.60
N LEU A 289 -0.12 0.75 -13.57
CA LEU A 289 1.30 0.58 -13.89
C LEU A 289 1.96 -0.40 -12.93
N VAL A 290 1.64 -0.28 -11.64
CA VAL A 290 2.21 -1.20 -10.66
C VAL A 290 1.78 -2.63 -10.96
N VAL A 291 0.50 -2.84 -11.24
CA VAL A 291 0.03 -4.20 -11.53
C VAL A 291 0.78 -4.77 -12.73
N GLN A 292 0.95 -3.97 -13.78
CA GLN A 292 1.51 -4.50 -15.02
C GLN A 292 3.02 -4.71 -14.97
N THR A 293 3.76 -3.93 -14.17
CA THR A 293 5.21 -3.98 -14.25
C THR A 293 5.89 -4.70 -13.09
N SER A 294 5.18 -5.05 -12.04
CA SER A 294 5.81 -5.64 -10.88
C SER A 294 6.18 -7.10 -11.16
N LYS A 295 7.22 -7.57 -10.47
CA LYS A 295 7.94 -8.78 -10.86
C LYS A 295 7.92 -9.81 -9.74
N PRO A 296 7.28 -10.97 -9.94
CA PRO A 296 7.34 -12.02 -8.92
C PRO A 296 8.69 -12.69 -8.79
N ALA A 297 9.54 -12.62 -9.81
CA ALA A 297 10.70 -13.50 -9.88
C ALA A 297 11.53 -13.40 -8.62
N HIS A 298 11.92 -14.55 -8.09
CA HIS A 298 12.85 -14.70 -6.97
C HIS A 298 12.26 -14.26 -5.64
N LEU A 299 10.98 -13.96 -5.59
CA LEU A 299 10.29 -13.79 -4.31
C LEU A 299 9.65 -15.12 -3.94
N ASN A 300 10.01 -15.64 -2.77
CA ASN A 300 9.58 -16.94 -2.33
C ASN A 300 8.30 -16.85 -1.51
N ALA A 301 7.27 -17.56 -1.94
CA ALA A 301 6.04 -17.68 -1.19
C ALA A 301 5.35 -18.96 -1.62
N ASN A 302 4.56 -19.55 -0.74
CA ASN A 302 3.87 -20.79 -1.08
C ASN A 302 2.48 -20.54 -1.67
N ASP A 303 2.11 -19.29 -1.92
CA ASP A 303 0.77 -18.97 -2.38
C ASP A 303 0.74 -18.22 -3.71
N TRP A 304 1.83 -18.25 -4.48
CA TRP A 304 1.78 -17.65 -5.81
C TRP A 304 0.70 -18.36 -6.63
N ALA A 305 -0.21 -17.59 -7.19
CA ALA A 305 -1.29 -18.13 -7.99
C ALA A 305 -1.44 -17.27 -9.23
N THR A 306 -1.78 -17.91 -10.34
CA THR A 306 -1.99 -17.19 -11.59
C THR A 306 -3.46 -16.82 -11.67
N ASN A 307 -3.75 -15.55 -11.85
CA ASN A 307 -5.13 -15.09 -11.89
C ASN A 307 -5.68 -15.23 -13.31
N GLY A 308 -6.86 -14.69 -13.55
CA GLY A 308 -7.56 -14.97 -14.78
C GLY A 308 -6.97 -14.30 -16.01
N VAL A 309 -6.07 -13.33 -15.84
CA VAL A 309 -5.41 -12.70 -16.96
C VAL A 309 -3.93 -13.06 -17.00
N GLY A 310 -3.56 -14.14 -16.32
CA GLY A 310 -2.23 -14.71 -16.46
C GLY A 310 -1.15 -14.07 -15.62
N ARG A 311 -1.52 -13.21 -14.67
CA ARG A 311 -0.54 -12.60 -13.79
C ARG A 311 -0.43 -13.42 -12.50
N LYS A 312 0.80 -13.57 -12.03
CA LYS A 312 1.02 -14.23 -10.75
C LYS A 312 0.79 -13.23 -9.63
N VAL A 313 0.11 -13.69 -8.57
N VAL A 313 0.10 -13.69 -8.58
CA VAL A 313 -0.20 -12.80 -7.45
CA VAL A 313 -0.22 -12.84 -7.44
C VAL A 313 -0.16 -13.60 -6.16
C VAL A 313 -0.04 -13.65 -6.17
N SER A 314 0.38 -12.96 -5.11
CA SER A 314 0.56 -13.54 -3.80
C SER A 314 -0.05 -12.60 -2.77
N HIS A 315 -0.56 -13.17 -1.68
CA HIS A 315 -1.08 -12.33 -0.61
C HIS A 315 0.04 -11.70 0.21
N SER A 316 1.27 -12.23 0.10
CA SER A 316 2.40 -11.61 0.78
C SER A 316 3.01 -10.48 -0.05
N TYR A 317 2.96 -10.60 -1.36
CA TYR A 317 3.71 -9.71 -2.23
C TYR A 317 2.88 -8.94 -3.24
N GLY A 318 1.57 -9.18 -3.30
CA GLY A 318 0.78 -8.63 -4.39
C GLY A 318 1.31 -9.15 -5.72
N TYR A 319 1.52 -8.23 -6.67
CA TYR A 319 2.00 -8.58 -8.00
C TYR A 319 3.53 -8.71 -8.05
N GLY A 320 4.21 -8.51 -6.93
CA GLY A 320 5.63 -8.73 -6.89
C GLY A 320 6.42 -7.47 -6.58
N LEU A 321 7.73 -7.56 -6.83
N LEU A 321 7.71 -7.52 -6.90
CA LEU A 321 8.63 -6.44 -6.59
CA LEU A 321 8.63 -6.45 -6.58
C LEU A 321 8.35 -5.30 -7.55
C LEU A 321 8.46 -5.30 -7.56
N LEU A 322 8.38 -4.08 -7.03
CA LEU A 322 8.36 -2.92 -7.90
C LEU A 322 9.62 -2.91 -8.74
N ASP A 323 9.47 -2.46 -9.98
CA ASP A 323 10.53 -2.42 -10.97
C ASP A 323 10.52 -0.98 -11.51
N ALA A 324 11.45 -0.16 -11.04
CA ALA A 324 11.40 1.26 -11.35
C ALA A 324 11.66 1.52 -12.83
N GLY A 325 12.65 0.84 -13.40
CA GLY A 325 12.91 1.01 -14.82
C GLY A 325 11.70 0.69 -15.68
N ALA A 326 10.98 -0.38 -15.32
CA ALA A 326 9.81 -0.77 -16.09
C ALA A 326 8.66 0.21 -15.88
N MET A 327 8.52 0.69 -14.65
CA MET A 327 7.49 1.68 -14.36
C MET A 327 7.67 2.93 -15.20
N VAL A 328 8.89 3.51 -15.22
CA VAL A 328 9.05 4.76 -15.93
C VAL A 328 8.94 4.55 -17.43
N ALA A 329 9.35 3.38 -17.92
CA ALA A 329 9.26 3.09 -19.34
C ALA A 329 7.81 3.02 -19.80
N LEU A 330 6.98 2.30 -19.04
CA LEU A 330 5.57 2.13 -19.40
C LEU A 330 4.77 3.40 -19.17
N ALA A 331 5.19 4.23 -18.22
CA ALA A 331 4.47 5.47 -17.96
C ALA A 331 4.50 6.42 -19.15
N GLN A 332 5.59 6.42 -19.92
CA GLN A 332 5.81 7.51 -20.84
C GLN A 332 4.71 7.62 -21.89
N ASN A 333 4.28 6.51 -22.46
CA ASN A 333 3.22 6.56 -23.47
C ASN A 333 1.91 5.96 -22.96
N TRP A 334 1.74 5.91 -21.65
CA TRP A 334 0.53 5.36 -21.06
C TRP A 334 -0.70 6.15 -21.50
N THR A 335 -1.74 5.43 -21.89
CA THR A 335 -3.03 6.03 -22.20
C THR A 335 -3.89 6.06 -20.93
N THR A 336 -4.38 7.24 -20.57
CA THR A 336 -5.22 7.38 -19.39
C THR A 336 -6.35 6.38 -19.41
N VAL A 337 -6.58 5.74 -18.26
CA VAL A 337 -7.68 4.79 -18.19
C VAL A 337 -9.02 5.53 -18.23
N ALA A 338 -10.05 4.80 -18.63
CA ALA A 338 -11.39 5.35 -18.71
C ALA A 338 -11.89 5.72 -17.32
N PRO A 339 -12.94 6.53 -17.23
CA PRO A 339 -13.50 6.85 -15.92
C PRO A 339 -13.88 5.60 -15.14
N GLN A 340 -13.73 5.70 -13.82
CA GLN A 340 -14.01 4.59 -12.93
C GLN A 340 -15.50 4.33 -12.82
N ARG A 341 -15.89 3.10 -13.11
CA ARG A 341 -17.24 2.62 -12.89
C ARG A 341 -17.31 1.86 -11.58
N LYS A 342 -18.52 1.78 -11.03
CA LYS A 342 -18.76 1.11 -9.76
C LYS A 342 -20.09 0.37 -9.87
N CYS A 343 -20.03 -0.96 -9.76
CA CYS A 343 -21.20 -1.82 -9.90
C CYS A 343 -21.50 -2.43 -8.52
N ILE A 344 -22.67 -2.13 -7.99
CA ILE A 344 -23.09 -2.53 -6.65
C ILE A 344 -24.08 -3.68 -6.78
N ILE A 345 -23.78 -4.81 -6.13
CA ILE A 345 -24.60 -6.01 -6.23
C ILE A 345 -24.91 -6.47 -4.81
N ASP A 346 -26.17 -6.35 -4.40
CA ASP A 346 -26.60 -6.89 -3.10
C ASP A 346 -26.86 -8.38 -3.30
N ILE A 347 -26.11 -9.23 -2.58
CA ILE A 347 -26.04 -10.65 -2.92
C ILE A 347 -27.13 -11.45 -2.22
N LEU A 348 -27.33 -11.26 -0.90
CA LEU A 348 -28.19 -12.17 -0.15
C LEU A 348 -29.67 -11.84 -0.31
N THR A 349 -30.49 -12.88 -0.39
CA THR A 349 -31.93 -12.72 -0.30
C THR A 349 -32.45 -12.89 1.12
N GLU A 350 -31.63 -13.44 2.03
CA GLU A 350 -32.00 -13.67 3.41
C GLU A 350 -30.72 -13.79 4.21
N PRO A 351 -30.75 -13.51 5.50
CA PRO A 351 -29.57 -13.76 6.35
C PRO A 351 -29.22 -15.24 6.35
N LYS A 352 -27.93 -15.52 6.53
CA LYS A 352 -27.39 -16.87 6.43
C LYS A 352 -26.65 -17.23 7.71
N ASP A 353 -27.03 -18.35 8.31
CA ASP A 353 -26.29 -18.88 9.44
C ASP A 353 -24.88 -19.28 9.00
N ILE A 354 -23.89 -18.91 9.80
CA ILE A 354 -22.51 -19.27 9.47
C ILE A 354 -22.15 -20.64 10.02
N GLY A 355 -22.40 -20.88 11.30
CA GLY A 355 -22.01 -22.15 11.86
C GLY A 355 -20.55 -22.49 11.58
N LYS A 356 -20.32 -23.74 11.20
CA LYS A 356 -18.97 -24.22 10.92
C LYS A 356 -18.45 -23.74 9.57
N ARG A 357 -19.34 -23.61 8.58
N ARG A 357 -19.34 -23.58 8.59
CA ARG A 357 -18.94 -23.24 7.24
CA ARG A 357 -18.93 -23.23 7.25
C ARG A 357 -20.15 -22.68 6.51
C ARG A 357 -20.13 -22.71 6.47
N LEU A 358 -19.91 -21.67 5.69
CA LEU A 358 -20.95 -21.09 4.85
C LEU A 358 -20.34 -20.80 3.49
N GLU A 359 -21.03 -21.21 2.45
CA GLU A 359 -20.68 -20.85 1.10
C GLU A 359 -21.87 -20.11 0.48
N VAL A 360 -21.59 -18.96 -0.13
CA VAL A 360 -22.58 -18.18 -0.85
C VAL A 360 -22.12 -18.05 -2.29
N ARG A 361 -22.91 -18.58 -3.22
N ARG A 361 -22.93 -18.55 -3.23
CA ARG A 361 -22.66 -18.48 -4.65
CA ARG A 361 -22.65 -18.47 -4.65
C ARG A 361 -23.65 -17.50 -5.26
C ARG A 361 -23.66 -17.55 -5.31
N LYS A 362 -23.19 -16.71 -6.22
CA LYS A 362 -24.09 -15.82 -6.94
C LYS A 362 -23.50 -15.53 -8.30
N THR A 363 -24.33 -15.68 -9.31
CA THR A 363 -23.95 -15.37 -10.68
C THR A 363 -24.42 -13.96 -10.99
N VAL A 364 -23.50 -13.10 -11.40
CA VAL A 364 -23.80 -11.69 -11.58
C VAL A 364 -23.53 -11.32 -13.04
N THR A 365 -24.19 -10.25 -13.50
CA THR A 365 -23.93 -9.69 -14.82
C THR A 365 -23.07 -8.44 -14.78
N ALA A 366 -22.66 -8.00 -13.59
CA ALA A 366 -21.77 -6.85 -13.43
C ALA A 366 -22.33 -5.61 -14.13
N CYS A 367 -23.61 -5.36 -13.87
CA CYS A 367 -24.29 -4.14 -14.31
C CYS A 367 -24.40 -4.05 -15.83
N LEU A 368 -24.58 -5.21 -16.45
CA LEU A 368 -24.86 -5.30 -17.88
C LEU A 368 -25.98 -4.34 -18.29
N GLY A 369 -25.73 -3.59 -19.36
CA GLY A 369 -26.71 -2.69 -19.91
C GLY A 369 -26.75 -1.33 -19.27
N GLU A 370 -25.94 -1.09 -18.24
CA GLU A 370 -25.93 0.14 -17.47
C GLU A 370 -24.62 0.91 -17.67
N PRO A 371 -24.59 2.20 -17.32
CA PRO A 371 -23.32 2.94 -17.45
C PRO A 371 -22.25 2.43 -16.52
N ASN A 372 -22.59 1.65 -15.50
CA ASN A 372 -21.56 1.08 -14.63
C ASN A 372 -21.23 -0.36 -14.99
N HIS A 373 -21.60 -0.80 -16.19
CA HIS A 373 -21.17 -2.10 -16.67
C HIS A 373 -19.65 -2.20 -16.63
N ILE A 374 -19.14 -3.25 -16.00
CA ILE A 374 -17.71 -3.48 -15.88
C ILE A 374 -17.35 -4.80 -16.55
N THR A 375 -16.48 -4.72 -17.55
CA THR A 375 -15.88 -5.90 -18.14
C THR A 375 -14.41 -6.03 -17.79
N ARG A 376 -13.83 -5.01 -17.17
CA ARG A 376 -12.40 -4.96 -16.83
C ARG A 376 -12.33 -4.53 -15.38
N LEU A 377 -12.15 -5.48 -14.46
CA LEU A 377 -12.13 -5.17 -13.05
C LEU A 377 -10.85 -4.44 -12.65
N GLU A 378 -10.97 -3.57 -11.66
CA GLU A 378 -9.85 -3.06 -10.90
C GLU A 378 -9.94 -3.71 -9.53
N HIS A 379 -10.32 -2.95 -8.51
CA HIS A 379 -10.55 -3.48 -7.18
C HIS A 379 -11.92 -4.13 -7.12
N ALA A 380 -12.03 -5.17 -6.29
CA ALA A 380 -13.32 -5.73 -5.90
C ALA A 380 -13.39 -5.77 -4.39
N GLN A 381 -14.59 -5.50 -3.87
CA GLN A 381 -14.85 -5.57 -2.44
C GLN A 381 -15.99 -6.53 -2.16
N ALA A 382 -15.86 -7.28 -1.08
CA ALA A 382 -16.98 -7.96 -0.46
C ALA A 382 -17.24 -7.20 0.83
N ARG A 383 -18.31 -6.42 0.86
CA ARG A 383 -18.67 -5.63 2.02
C ARG A 383 -19.61 -6.50 2.87
N LEU A 384 -19.11 -6.95 4.02
CA LEU A 384 -19.78 -7.96 4.81
C LEU A 384 -20.24 -7.39 6.14
N THR A 385 -21.48 -7.73 6.51
CA THR A 385 -22.01 -7.48 7.83
C THR A 385 -22.33 -8.84 8.43
N LEU A 386 -21.70 -9.15 9.55
CA LEU A 386 -21.92 -10.45 10.16
C LEU A 386 -21.64 -10.37 11.65
N SER A 387 -22.33 -11.24 12.39
CA SER A 387 -22.07 -11.49 13.79
C SER A 387 -21.33 -12.81 13.92
N TYR A 388 -20.48 -12.91 14.92
CA TYR A 388 -19.78 -14.15 15.22
C TYR A 388 -19.30 -14.05 16.66
N ASN A 389 -19.20 -15.20 17.35
CA ASN A 389 -18.83 -15.15 18.76
C ASN A 389 -17.32 -14.96 18.99
N ARG A 390 -16.48 -15.38 18.05
N ARG A 390 -16.49 -15.42 18.07
CA ARG A 390 -15.03 -15.19 18.16
CA ARG A 390 -15.05 -15.21 18.15
C ARG A 390 -14.48 -14.90 16.77
C ARG A 390 -14.56 -14.89 16.75
N ARG A 391 -14.24 -13.61 16.52
CA ARG A 391 -13.99 -13.15 15.16
C ARG A 391 -12.76 -13.81 14.53
N GLY A 392 -11.69 -13.94 15.29
CA GLY A 392 -10.44 -14.44 14.74
C GLY A 392 -10.46 -15.90 14.37
N ASP A 393 -11.52 -16.63 14.72
CA ASP A 393 -11.62 -17.99 14.22
C ASP A 393 -12.10 -18.05 12.78
N LEU A 394 -12.58 -16.94 12.23
CA LEU A 394 -13.07 -16.91 10.87
C LEU A 394 -11.95 -16.80 9.85
N ALA A 395 -12.08 -17.55 8.76
CA ALA A 395 -11.34 -17.28 7.54
C ALA A 395 -12.36 -17.09 6.43
N ILE A 396 -12.09 -16.14 5.54
CA ILE A 396 -13.03 -15.74 4.51
C ILE A 396 -12.29 -15.68 3.18
N HIS A 397 -12.86 -16.32 2.17
CA HIS A 397 -12.32 -16.31 0.82
C HIS A 397 -13.39 -15.86 -0.16
N LEU A 398 -12.94 -15.25 -1.24
CA LEU A 398 -13.79 -14.81 -2.34
C LEU A 398 -13.19 -15.32 -3.63
N VAL A 399 -13.97 -16.04 -4.42
CA VAL A 399 -13.51 -16.62 -5.68
C VAL A 399 -14.22 -15.91 -6.83
N SER A 400 -13.44 -15.40 -7.78
CA SER A 400 -13.98 -14.69 -8.92
C SER A 400 -14.45 -15.68 -9.97
N PRO A 401 -15.23 -15.21 -10.95
CA PRO A 401 -15.66 -16.09 -12.05
C PRO A 401 -14.51 -16.72 -12.79
N MET A 402 -13.34 -16.07 -12.82
N MET A 402 -13.35 -16.08 -12.84
CA MET A 402 -12.18 -16.62 -13.48
CA MET A 402 -12.19 -16.66 -13.50
C MET A 402 -11.42 -17.61 -12.61
C MET A 402 -11.36 -17.51 -12.55
N GLY A 403 -11.90 -17.86 -11.39
CA GLY A 403 -11.32 -18.87 -10.53
C GLY A 403 -10.27 -18.37 -9.57
N THR A 404 -10.10 -17.06 -9.46
CA THR A 404 -9.06 -16.49 -8.61
C THR A 404 -9.56 -16.45 -7.19
N ARG A 405 -8.89 -17.21 -6.32
N ARG A 405 -8.85 -17.14 -6.28
CA ARG A 405 -9.21 -17.25 -4.91
CA ARG A 405 -9.28 -17.28 -4.88
C ARG A 405 -8.48 -16.13 -4.21
C ARG A 405 -8.53 -16.26 -4.02
N SER A 406 -9.23 -15.20 -3.66
CA SER A 406 -8.70 -14.15 -2.80
C SER A 406 -9.02 -14.49 -1.36
N THR A 407 -8.01 -14.52 -0.52
CA THR A 407 -8.23 -14.58 0.92
C THR A 407 -8.61 -13.18 1.39
N LEU A 408 -9.86 -13.02 1.84
CA LEU A 408 -10.27 -11.74 2.39
C LEU A 408 -9.90 -11.61 3.86
N LEU A 409 -9.83 -12.73 4.57
CA LEU A 409 -9.52 -12.73 5.99
C LEU A 409 -8.92 -14.07 6.33
N ALA A 410 -7.72 -14.06 6.94
CA ALA A 410 -7.18 -15.29 7.50
C ALA A 410 -7.49 -15.33 8.98
N ALA A 411 -7.45 -16.53 9.55
CA ALA A 411 -7.61 -16.70 10.98
C ALA A 411 -6.63 -15.83 11.73
N ARG A 412 -7.13 -15.11 12.74
CA ARG A 412 -6.32 -14.25 13.60
C ARG A 412 -6.45 -14.78 15.03
N PRO A 413 -5.49 -15.56 15.50
N PRO A 413 -5.52 -15.60 15.49
CA PRO A 413 -5.68 -16.26 16.79
CA PRO A 413 -5.71 -16.26 16.80
C PRO A 413 -5.85 -15.34 17.98
C PRO A 413 -5.91 -15.31 17.96
N HIS A 414 -5.33 -14.11 17.93
CA HIS A 414 -5.48 -13.19 19.06
C HIS A 414 -6.81 -12.44 19.05
N ASP A 415 -7.58 -12.52 17.96
CA ASP A 415 -8.79 -11.71 17.81
C ASP A 415 -9.95 -12.44 18.46
N TYR A 416 -10.18 -12.13 19.74
CA TYR A 416 -11.26 -12.72 20.51
C TYR A 416 -12.57 -11.95 20.40
N SER A 417 -12.62 -10.91 19.55
CA SER A 417 -13.76 -10.02 19.56
C SER A 417 -15.06 -10.75 19.26
N ALA A 418 -16.11 -10.36 19.97
CA ALA A 418 -17.45 -10.81 19.67
C ALA A 418 -18.24 -9.79 18.85
N ASP A 419 -17.56 -8.79 18.27
CA ASP A 419 -18.24 -7.68 17.63
C ASP A 419 -18.42 -7.85 16.13
N GLY A 420 -17.87 -8.91 15.54
CA GLY A 420 -18.11 -9.21 14.14
C GLY A 420 -17.58 -8.14 13.21
N PHE A 421 -18.21 -8.04 12.04
CA PHE A 421 -17.85 -7.06 11.03
C PHE A 421 -19.09 -6.26 10.67
N ASN A 422 -18.96 -4.94 10.71
CA ASN A 422 -20.08 -4.05 10.44
C ASN A 422 -19.83 -3.38 9.10
N ASP A 423 -20.38 -3.97 8.04
CA ASP A 423 -20.21 -3.49 6.67
C ASP A 423 -18.73 -3.23 6.37
N TRP A 424 -17.90 -4.23 6.65
CA TRP A 424 -16.47 -4.10 6.44
C TRP A 424 -16.15 -4.47 5.00
N ALA A 425 -15.47 -3.57 4.29
CA ALA A 425 -15.25 -3.70 2.85
C ALA A 425 -13.93 -4.39 2.52
N PHE A 426 -13.91 -5.71 2.73
CA PHE A 426 -12.73 -6.51 2.40
C PHE A 426 -12.41 -6.33 0.91
N MET A 427 -11.18 -5.97 0.60
CA MET A 427 -10.83 -5.64 -0.77
C MET A 427 -9.77 -6.58 -1.31
N THR A 428 -9.94 -6.94 -2.59
CA THR A 428 -8.91 -7.68 -3.29
C THR A 428 -8.49 -6.99 -4.58
N THR A 429 -7.17 -7.03 -4.82
CA THR A 429 -6.57 -6.60 -6.06
C THR A 429 -6.25 -7.77 -7.00
N HIS A 430 -6.50 -9.00 -6.56
CA HIS A 430 -5.97 -10.16 -7.27
C HIS A 430 -6.73 -10.48 -8.56
N SER A 431 -7.89 -9.87 -8.77
CA SER A 431 -8.68 -10.09 -9.97
C SER A 431 -8.61 -8.91 -10.92
N TRP A 432 -7.64 -8.01 -10.72
CA TRP A 432 -7.42 -6.87 -11.58
C TRP A 432 -7.35 -7.31 -13.04
N ASP A 433 -8.13 -6.62 -13.89
CA ASP A 433 -8.25 -6.80 -15.32
C ASP A 433 -9.11 -8.01 -15.72
N GLU A 434 -9.59 -8.82 -14.76
CA GLU A 434 -10.51 -9.89 -15.09
C GLU A 434 -11.89 -9.34 -15.45
N ASP A 435 -12.64 -10.14 -16.20
CA ASP A 435 -14.04 -9.84 -16.44
C ASP A 435 -14.84 -10.38 -15.25
N PRO A 436 -15.58 -9.53 -14.54
CA PRO A 436 -16.25 -10.00 -13.31
C PRO A 436 -17.63 -10.59 -13.54
N SER A 437 -18.08 -10.71 -14.77
N SER A 437 -18.08 -10.72 -14.77
CA SER A 437 -19.35 -11.39 -15.03
CA SER A 437 -19.35 -11.39 -15.02
C SER A 437 -19.22 -12.88 -14.74
C SER A 437 -19.22 -12.88 -14.73
N GLY A 438 -20.27 -13.46 -14.15
CA GLY A 438 -20.26 -14.87 -13.86
C GLY A 438 -20.43 -15.19 -12.39
N GLU A 439 -20.01 -16.38 -11.99
CA GLU A 439 -20.25 -16.84 -10.63
C GLU A 439 -19.13 -16.38 -9.70
N TRP A 440 -19.51 -15.66 -8.66
CA TRP A 440 -18.66 -15.37 -7.52
C TRP A 440 -19.04 -16.29 -6.37
N VAL A 441 -18.03 -16.70 -5.60
CA VAL A 441 -18.24 -17.56 -4.44
C VAL A 441 -17.62 -16.91 -3.22
N LEU A 442 -18.41 -16.74 -2.17
CA LEU A 442 -17.91 -16.32 -0.86
C LEU A 442 -17.90 -17.53 0.07
N GLU A 443 -16.77 -17.75 0.73
CA GLU A 443 -16.59 -18.83 1.68
C GLU A 443 -16.26 -18.23 3.03
N ILE A 444 -17.02 -18.61 4.05
CA ILE A 444 -16.72 -18.24 5.42
C ILE A 444 -16.59 -19.52 6.23
N GLU A 445 -15.46 -19.69 6.90
CA GLU A 445 -15.20 -20.93 7.61
C GLU A 445 -14.75 -20.67 9.03
N ASN A 446 -15.22 -21.51 9.93
CA ASN A 446 -14.71 -21.58 11.28
C ASN A 446 -13.47 -22.46 11.26
N THR A 447 -12.29 -21.86 11.47
CA THR A 447 -11.05 -22.61 11.44
C THR A 447 -10.74 -23.32 12.76
N SER A 448 -11.54 -23.09 13.79
N SER A 448 -11.57 -23.10 13.79
CA SER A 448 -11.34 -23.74 15.08
CA SER A 448 -11.38 -23.70 15.10
C SER A 448 -12.22 -24.98 15.18
C SER A 448 -12.31 -24.90 15.27
N GLU A 449 -11.94 -25.78 16.20
CA GLU A 449 -12.80 -26.90 16.57
C GLU A 449 -13.91 -26.49 17.50
N ALA A 450 -13.94 -25.23 17.93
CA ALA A 450 -14.99 -24.76 18.81
C ALA A 450 -16.33 -24.71 18.08
N ASN A 451 -17.40 -24.87 18.84
CA ASN A 451 -18.76 -24.71 18.29
C ASN A 451 -19.10 -23.24 18.26
N ASN A 452 -18.51 -22.54 17.30
CA ASN A 452 -18.78 -21.12 17.13
C ASN A 452 -20.05 -20.90 16.32
N TYR A 453 -20.57 -19.67 16.39
CA TYR A 453 -21.88 -19.38 15.84
C TYR A 453 -21.99 -17.91 15.47
N GLY A 454 -22.83 -17.65 14.47
CA GLY A 454 -23.17 -16.31 14.06
C GLY A 454 -23.90 -16.33 12.74
N THR A 455 -24.13 -15.13 12.20
CA THR A 455 -24.99 -14.92 11.06
C THR A 455 -24.39 -13.88 10.12
N LEU A 456 -24.41 -14.18 8.82
CA LEU A 456 -24.10 -13.20 7.78
C LEU A 456 -25.40 -12.51 7.37
N THR A 457 -25.50 -11.20 7.63
CA THR A 457 -26.73 -10.48 7.32
C THR A 457 -26.66 -9.64 6.06
N LYS A 458 -25.46 -9.30 5.57
CA LYS A 458 -25.36 -8.53 4.35
C LYS A 458 -24.04 -8.87 3.67
N PHE A 459 -24.13 -9.05 2.36
CA PHE A 459 -22.97 -9.25 1.50
C PHE A 459 -23.22 -8.39 0.28
N THR A 460 -22.49 -7.28 0.18
CA THR A 460 -22.50 -6.44 -1.02
C THR A 460 -21.23 -6.71 -1.79
N LEU A 461 -21.36 -7.17 -3.02
CA LEU A 461 -20.23 -7.25 -3.92
C LEU A 461 -20.12 -5.93 -4.66
N VAL A 462 -19.00 -5.24 -4.49
CA VAL A 462 -18.79 -3.94 -5.10
C VAL A 462 -17.64 -4.11 -6.08
N LEU A 463 -17.92 -3.89 -7.35
CA LEU A 463 -16.94 -4.01 -8.42
C LEU A 463 -16.58 -2.61 -8.92
N TYR A 464 -15.29 -2.34 -9.05
CA TYR A 464 -14.79 -1.13 -9.66
C TYR A 464 -14.06 -1.49 -10.94
N GLY A 465 -14.12 -0.61 -11.94
CA GLY A 465 -13.36 -0.88 -13.15
C GLY A 465 -13.92 -0.13 -14.34
N THR A 466 -13.65 -0.67 -15.52
CA THR A 466 -14.01 -0.03 -16.78
C THR A 466 -14.59 -1.07 -17.71
N ALA A 467 -14.87 -0.65 -18.94
CA ALA A 467 -15.38 -1.56 -19.96
C ALA A 467 -14.62 -1.39 -21.28
N SER A 468 -13.34 -1.06 -21.21
CA SER A 468 -12.57 -0.90 -22.44
C SER A 468 -11.09 -0.93 -22.10
N GLY A 469 -10.28 -1.26 -23.11
CA GLY A 469 -8.84 -1.09 -23.04
C GLY A 469 -8.03 -2.29 -22.58
N SER A 470 -8.58 -3.50 -22.60
CA SER A 470 -7.88 -4.64 -22.07
C SER A 470 -6.69 -5.04 -22.94
N LEU A 471 -5.64 -5.54 -22.29
CA LEU A 471 -4.49 -6.16 -22.93
C LEU A 471 -4.73 -7.65 -23.11
N VAL A 472 -3.99 -8.26 -24.03
CA VAL A 472 -4.00 -9.72 -24.13
C VAL A 472 -3.46 -10.32 -22.84
N PRO A 473 -4.06 -11.39 -22.30
CA PRO A 473 -3.55 -11.97 -21.04
C PRO A 473 -2.07 -12.35 -21.14
N ARG A 474 -1.40 -12.28 -20.00
CA ARG A 474 0.05 -12.46 -19.92
C ARG A 474 0.50 -13.87 -20.27
CAB A1JA6 B . -2.74 8.17 9.10
CAB A1JA6 B . -2.72 8.10 9.06
CAC A1JA6 B . -1.41 8.11 8.80
CAC A1JA6 B . -1.39 8.00 8.72
CAD A1JA6 B . -0.58 7.41 9.63
CAD A1JA6 B . -0.55 7.29 9.54
CAF A1JA6 B . -1.04 6.74 10.74
CAF A1JA6 B . -1.02 6.65 10.66
CAG A1JA6 B . -2.39 6.79 11.02
CAG A1JA6 B . -2.36 6.75 11.00
CAH A1JA6 B . -2.96 6.13 12.26
CAH A1JA6 B . -2.95 6.12 12.25
CAI A1JA6 B . -2.25 6.19 13.45
CAI A1JA6 B . -2.23 6.19 13.45
CAJ A1JA6 B . -2.76 5.65 14.61
CAJ A1JA6 B . -2.75 5.66 14.61
CAK A1JA6 B . -1.95 5.71 15.91
CAK A1JA6 B . -1.95 5.73 15.92
CAM A1JA6 B . -1.99 3.37 16.43
CAM A1JA6 B . -2.01 3.41 16.52
CAN A1JA6 B . -1.59 2.55 17.66
CAN A1JA6 B . -1.36 2.29 17.35
CAW A1JA6 B . 0.52 3.71 17.84
CAW A1JA6 B . 0.56 3.74 17.75
CAX A1JA6 B . -0.39 4.85 17.40
CAX A1JA6 B . -0.33 4.90 17.34
CAY A1JA6 B . -4.03 5.10 14.58
CAY A1JA6 B . -4.03 5.11 14.59
CAZ A1JA6 B . -4.77 5.06 13.41
CAZ A1JA6 B . -4.76 5.08 13.41
CBA A1JA6 B . -6.16 4.45 13.40
CBA A1JA6 B . -6.16 4.47 13.41
CBC A1JA6 B . -7.05 6.21 14.85
CBC A1JA6 B . -7.05 6.22 14.86
CBD A1JA6 B . -8.16 7.25 15.07
CBD A1JA6 B . -8.16 7.27 15.08
CBE A1JA6 B . -9.53 6.61 14.93
CBE A1JA6 B . -9.54 6.62 14.93
CBF A1JA6 B . -10.62 7.70 15.04
CBF A1JA6 B . -10.62 7.70 15.04
CBH A1JA6 B . -13.09 7.83 15.24
CBH A1JA6 B . -13.09 7.83 15.25
CBI A1JA6 B . -14.41 7.09 15.37
CBI A1JA6 B . -14.42 7.09 15.38
CBK A1JA6 B . -9.63 5.93 13.60
CBK A1JA6 B . -9.62 5.93 13.60
CBL A1JA6 B . -8.49 4.93 13.40
CBL A1JA6 B . -8.49 4.94 13.41
CBM A1JA6 B . -4.24 5.59 12.23
CBM A1JA6 B . -4.22 5.60 12.24
CBN A1JA6 B . -3.24 7.50 10.22
CBN A1JA6 B . -3.21 7.49 10.20
NAL A1JA6 B . -1.16 4.53 16.21
NAL A1JA6 B . -1.17 4.54 16.21
NAO A1JA6 B . -0.16 2.44 17.92
NAO A1JA6 B . -0.24 2.64 18.24
NBB A1JA6 B . -7.16 5.52 13.55
NBB A1JA6 B . -7.15 5.53 13.55
NBG A1JA6 B . -11.90 7.04 15.16
NBG A1JA6 B . -11.90 7.04 15.16
OBJ A1JA6 B . -13.01 9.01 15.24
OBJ A1JA6 B . -13.02 9.01 15.23
CLAA A1JA6 B . -3.82 9.08 8.06
CLAA A1JA6 B . -3.80 9.03 8.04
CLAE A1JA6 B . 1.13 7.37 9.25
CLAE A1JA6 B . 1.16 7.16 9.08
HAC A1JA6 B . -1.02 8.62 7.93
HAC A1JA6 B . -1.02 8.47 7.81
HAF A1JA6 B . -0.36 6.20 11.38
HAF A1JA6 B . -0.34 6.09 11.30
HAI A1JA6 B . -1.28 6.67 13.46
HAI A1JA6 B . -1.26 6.66 13.46
HAK A1JA6 B . -1.28 6.56 15.84
HAK A1JA6 B . -1.28 6.58 15.84
HAL A1JA6 B . -2.66 5.86 16.73
HAL A1JA6 B . -2.65 5.90 16.73
HAM A1JA6 B . -1.92 2.72 15.56
HAM A1JA6 B . -2.35 2.97 15.59
HAN A1JA6 B . -3.02 3.69 16.56
HAN A1JA6 B . -2.86 3.78 17.08
HAP A1JA6 B . -2.06 3.00 18.54
HAP A1JA6 B . -2.14 1.85 17.97
HAO A1JA6 B . -1.98 1.54 17.53
HAO A1JA6 B . -0.99 1.54 16.65
HA3 A1JA6 B . 0.93 3.96 18.82
HA3 A1JA6 B . 1.23 4.07 18.55
HA2 A1JA6 B . 1.33 3.63 17.13
HA2 A1JA6 B . 1.14 3.41 16.90
HA5 A1JA6 B . 0.21 5.73 17.20
HA5 A1JA6 B . 0.30 5.74 17.08
HA4 A1JA6 B . -1.09 5.07 18.20
HA4 A1JA6 B . -0.97 5.17 18.18
HA6 A1JA6 B . -4.46 4.69 15.49
HA6 A1JA6 B . -4.46 4.72 15.50
HBA A1JA6 B . -6.26 3.76 14.22
HBA A1JA6 B . -6.25 3.77 14.23
HBB A1JA6 B . -6.34 3.94 12.46
HBB A1JA6 B . -6.32 3.94 12.48
HBC A1JA6 B . -7.12 5.47 15.64
HBC A1JA6 B . -7.12 5.47 15.65
HBD A1JA6 B . -6.09 6.70 14.91
HBD A1JA6 B . -6.09 6.71 14.91
HBF A1JA6 B . -8.06 8.04 14.33
HBF A1JA6 B . -8.05 8.06 14.34
HBE A1JA6 B . -8.06 7.68 16.07
HBE A1JA6 B . -8.07 7.68 16.08
HBG A1JA6 B . -9.68 5.88 15.72
HBG A1JA6 B . -9.69 5.89 15.72
HBI A1JA6 B . -10.59 8.33 14.16
HBI A1JA6 B . -10.59 8.33 14.16
HBH A1JA6 B . -10.43 8.32 15.93
HBH A1JA6 B . -10.43 8.32 15.93
HBJ A1JA6 B . -14.39 6.47 16.26
HBJ A1JA6 B . -14.39 6.46 16.27
HBL A1JA6 B . -15.22 7.81 15.45
HBL A1JA6 B . -15.23 7.80 15.46
HBK A1JA6 B . -14.56 6.47 14.49
HBK A1JA6 B . -14.57 6.46 14.50
HBN A1JA6 B . -9.57 6.68 12.81
HBN A1JA6 B . -9.58 6.69 12.82
HBM A1JA6 B . -10.58 5.41 13.53
HBM A1JA6 B . -10.57 5.40 13.54
HBO A1JA6 B . -8.60 4.14 14.14
HBO A1JA6 B . -8.60 4.15 14.13
HBP A1JA6 B . -8.57 4.51 12.41
HBP A1JA6 B . -8.56 4.53 12.40
HBQ A1JA6 B . -4.82 5.60 11.32
HBQ A1JA6 B . -4.80 5.58 11.32
HBR A1JA6 B . -4.30 7.56 10.45
HBR A1JA6 B . -4.26 7.58 10.45
HBW A1JA6 B . -11.95 6.05 15.19
HBW A1JA6 B . -11.95 6.05 15.19
HBS A1JA6 B . -0.57 4.29 15.44
HBT A1JA6 B . -0.05 2.09 18.86
HBV A1JA6 B . -6.99 6.20 12.84
HBS A1JA6 B . -0.62 4.26 15.42
HBT A1JA6 B . -0.63 2.91 19.12
HBV A1JA6 B . -6.99 6.21 12.84
CA CA C . 6.27 22.25 15.17
CA CA D . 23.63 11.81 0.14
CA CA E . -2.06 -4.78 10.60
NA NA F . -4.65 0.03 -0.54
NA NA G . -17.70 -14.43 -16.82
NA NA H . -6.05 -19.43 -11.79
NA NA I . 0.51 -0.96 10.49
CL CL J . -17.00 4.74 -4.20
S DMS K . -15.65 -4.15 12.70
O DMS K . -16.43 -3.92 11.42
C1 DMS K . -14.87 -2.56 13.09
C2 DMS K . -16.86 -4.24 14.04
H11 DMS K . -14.38 -2.63 14.03
H12 DMS K . -15.60 -1.80 13.13
H13 DMS K . -14.16 -2.32 12.34
H21 DMS K . -16.36 -4.39 14.96
H22 DMS K . -17.52 -5.05 13.87
H23 DMS K . -17.42 -3.35 14.08
S DMS L . -13.14 7.80 -8.14
O DMS L . -13.42 7.65 -6.68
C1 DMS L . -14.64 8.22 -9.02
C2 DMS L . -12.27 9.38 -8.40
H11 DMS L . -14.39 8.55 -10.00
H12 DMS L . -15.14 8.99 -8.51
H13 DMS L . -15.26 7.37 -9.08
H21 DMS L . -12.16 9.55 -9.44
H22 DMS L . -11.31 9.33 -7.94
H23 DMS L . -12.83 10.16 -7.98
S DMS M . 9.26 -3.55 13.06
O DMS M . 7.90 -3.59 13.68
C1 DMS M . 9.30 -4.69 11.66
C2 DMS M . 9.45 -1.98 12.20
H11 DMS M . 10.28 -4.69 11.24
H12 DMS M . 8.61 -4.37 10.94
H13 DMS M . 9.06 -5.67 11.99
H21 DMS M . 10.39 -1.95 11.72
H22 DMS M . 9.38 -1.19 12.89
H23 DMS M . 8.68 -1.89 11.47
S DMS N . 18.71 19.36 19.61
O DMS N . 18.77 18.62 18.31
C1 DMS N . 17.17 20.33 19.71
C2 DMS N . 18.47 18.19 20.97
H11 DMS N . 17.10 20.77 20.67
H12 DMS N . 16.34 19.68 19.55
H13 DMS N . 17.18 21.08 18.96
H21 DMS N . 18.36 18.72 21.89
H22 DMS N . 19.32 17.55 21.05
H23 DMS N . 17.60 17.61 20.79
S DMS O . 8.47 20.37 19.79
O DMS O . 9.21 21.62 19.43
C1 DMS O . 8.59 19.20 18.40
C2 DMS O . 9.28 19.54 21.17
H11 DMS O . 8.10 18.30 18.65
H12 DMS O . 9.61 18.99 18.22
H13 DMS O . 8.16 19.62 17.54
H21 DMS O . 8.67 18.73 21.50
H22 DMS O . 9.40 20.22 21.97
H23 DMS O . 10.22 19.18 20.87
S DMS P . 3.64 -18.09 2.76
S DMS P . 5.04 -18.17 3.08
O DMS P . 4.52 -18.65 1.69
O DMS P . 5.54 -18.92 1.89
C1 DMS P . 3.58 -19.23 4.16
C1 DMS P . 3.56 -17.22 2.61
C2 DMS P . 4.57 -16.79 3.62
C2 DMS P . 4.27 -19.37 4.21
H11 DMS P . 3.06 -18.78 4.97
H11 DMS P . 3.17 -16.73 3.46
H12 DMS P . 4.56 -19.49 4.46
H12 DMS P . 2.83 -17.88 2.21
H13 DMS P . 3.07 -20.12 3.88
H13 DMS P . 3.83 -16.51 1.88
H21 DMS P . 3.93 -16.27 4.29
H21 DMS P . 3.85 -18.85 5.03
H22 DMS P . 4.96 -16.11 2.91
H22 DMS P . 5.00 -20.05 4.55
H23 DMS P . 5.36 -17.23 4.16
H23 DMS P . 3.50 -19.89 3.70
C1 NAG Q . -4.10 14.33 -19.58
C2 NAG Q . -3.91 15.19 -20.84
C3 NAG Q . -5.26 15.70 -21.36
C4 NAG Q . -6.23 14.53 -21.54
C5 NAG Q . -6.32 13.75 -20.23
C6 NAG Q . -7.23 12.55 -20.32
C7 NAG Q . -1.74 16.35 -20.94
C8 NAG Q . -0.99 17.60 -20.58
N2 NAG Q . -3.03 16.31 -20.57
O3 NAG Q . -5.07 16.36 -22.60
O4 NAG Q . -7.52 15.03 -21.90
O5 NAG Q . -5.03 13.28 -19.85
O6 NAG Q . -6.78 11.65 -21.35
O7 NAG Q . -1.20 15.42 -21.53
H1 NAG Q . -4.43 14.89 -18.86
H2 NAG Q . -3.51 14.63 -21.54
H3 NAG Q . -5.63 16.32 -20.71
H4 NAG Q . -5.91 13.94 -22.24
H5 NAG Q . -6.68 14.34 -19.53
H61 NAG Q . -8.13 12.83 -20.52
H62 NAG Q . -7.21 12.07 -19.47
H81 NAG Q . -0.07 17.53 -20.91
H82 NAG Q . -0.98 17.71 -19.61
H83 NAG Q . -1.42 18.37 -20.99
HN2 NAG Q . -3.37 17.03 -20.13
HO3 NAG Q . -5.85 16.62 -22.92
HO4 NAG Q . -7.89 14.46 -22.49
HO6 NAG Q . -7.41 11.03 -21.48
#